data_5BQC
#
_entry.id   5BQC
#
_cell.length_a   119.136
_cell.length_b   119.136
_cell.length_c   119.151
_cell.angle_alpha   90.000
_cell.angle_beta   90.000
_cell.angle_gamma   120.000
#
_symmetry.space_group_name_H-M   'P 61 2 2'
#
loop_
_entity.id
_entity.type
_entity.pdbx_description
1 polymer Frizzled-4
2 polymer Norrin
3 branched 1,3,4,6-tetra-O-sulfo-beta-D-fructofuranose-(2-1)-2,3,4,6-tetra-O-sulfonato-alpha-D-glucopyranose
4 non-polymer 2-acetamido-2-deoxy-beta-D-glucopyranose
#
loop_
_entity_poly.entity_id
_entity_poly.type
_entity_poly.pdbx_seq_one_letter_code
_entity_poly.pdbx_strand_id
1 'polypeptide(L)'
;DTGERRCDPIRISMCQNLGYNVTKMPNLVGHELQTDAELQLTTFTPLIQYGCSSQLQFFLCSVYVPMCTEKINIPIGPCG
GMCLSVKRRCEPVLKEFGFAWPESLNCSKFPPQNDHNHMCMEGPGDEEVPLPHKTPIQPGEGTLEVLFQ
;
B
2 'polypeptide(L)'
;GPGKTDSSFIMDSDPRRCMRHHYVDSISHPLYKCSSKMVLLARCEGHCSQASRSEPLVSFSTVLKQPFRSSCHCCRPQTS
KLKALRLRCSGGMRLTATYRYILSCHCEECNSGTETSQVAPA
;
A
#
# COMPACT_ATOMS: atom_id res chain seq x y z
N ARG A 5 3.45 17.94 11.07
CA ARG A 5 2.65 19.06 11.65
C ARG A 5 1.16 18.72 11.61
N ARG A 6 0.55 18.77 10.42
CA ARG A 6 -0.90 18.66 10.31
C ARG A 6 -1.40 17.29 10.74
N CYS A 7 -0.86 16.24 10.14
CA CYS A 7 -1.25 14.86 10.46
C CYS A 7 -0.80 14.52 11.89
N ASP A 8 -1.04 13.28 12.33
CA ASP A 8 -0.54 12.83 13.64
C ASP A 8 -0.22 11.34 13.68
N PRO A 9 0.68 10.94 14.58
CA PRO A 9 1.30 9.63 14.47
C PRO A 9 0.35 8.53 14.92
N ILE A 10 0.44 7.36 14.30
CA ILE A 10 -0.36 6.23 14.72
C ILE A 10 0.10 5.86 16.13
N ARG A 11 -0.85 5.55 17.00
CA ARG A 11 -0.56 5.21 18.39
C ARG A 11 -0.98 3.78 18.74
N ILE A 12 -1.66 3.10 17.81
CA ILE A 12 -2.06 1.72 18.02
C ILE A 12 -0.96 0.81 17.50
N SER A 13 -0.40 0.00 18.39
CA SER A 13 0.67 -0.91 18.01
C SER A 13 0.20 -1.78 16.86
N MET A 14 -1.01 -2.31 16.99
CA MET A 14 -1.56 -3.26 16.03
C MET A 14 -1.45 -2.72 14.62
N CYS A 15 -1.75 -1.45 14.46
CA CYS A 15 -1.77 -0.83 13.14
C CYS A 15 -0.44 -0.16 12.80
N GLN A 16 0.47 -0.14 13.77
CA GLN A 16 1.80 0.40 13.55
C GLN A 16 2.51 -0.38 12.45
N ASN A 17 3.36 0.32 11.69
CA ASN A 17 4.39 -0.32 10.87
C ASN A 17 3.84 -0.95 9.59
N LEU A 18 2.67 -0.47 9.17
CA LEU A 18 2.17 -0.74 7.83
C LEU A 18 2.64 0.40 6.93
N GLY A 19 2.12 0.43 5.70
CA GLY A 19 2.61 1.35 4.66
C GLY A 19 3.05 2.73 5.13
N TYR A 20 2.28 3.32 6.05
CA TYR A 20 2.24 4.78 6.17
C TYR A 20 2.43 5.22 7.61
N ASN A 21 3.02 6.41 7.78
CA ASN A 21 3.51 6.89 9.07
C ASN A 21 2.39 7.31 10.01
N VAL A 22 1.31 7.87 9.47
CA VAL A 22 0.57 8.96 10.11
C VAL A 22 -0.91 8.88 9.79
N THR A 23 -1.75 9.36 10.69
CA THR A 23 -3.18 9.44 10.43
C THR A 23 -3.75 10.76 10.96
N LYS A 24 -5.07 10.90 10.88
CA LYS A 24 -5.75 12.03 11.51
C LYS A 24 -7.17 11.68 11.94
N MET A 25 -7.43 11.77 13.23
CA MET A 25 -8.79 11.79 13.73
C MET A 25 -9.52 13.04 13.26
N PRO A 26 -10.86 12.98 13.22
CA PRO A 26 -11.67 11.90 13.75
C PRO A 26 -11.91 10.84 12.69
N ASN A 27 -12.35 9.67 13.13
CA ASN A 27 -12.28 8.47 12.30
C ASN A 27 -13.29 8.56 11.17
N LEU A 28 -13.01 7.89 10.05
CA LEU A 28 -14.01 7.68 9.01
C LEU A 28 -15.31 7.24 9.66
N VAL A 29 -15.23 6.20 10.48
CA VAL A 29 -16.37 5.74 11.27
C VAL A 29 -16.95 6.92 12.06
N GLY A 30 -16.06 7.77 12.56
CA GLY A 30 -16.42 8.87 13.43
C GLY A 30 -15.86 8.74 14.83
N HIS A 31 -15.03 7.72 15.08
CA HIS A 31 -14.16 7.70 16.26
C HIS A 31 -13.45 9.04 16.49
N GLU A 32 -13.42 9.48 17.74
CA GLU A 32 -12.80 10.75 18.07
C GLU A 32 -11.34 10.61 18.42
N LEU A 33 -10.95 9.47 18.97
CA LEU A 33 -9.65 9.30 19.59
C LEU A 33 -9.10 7.89 19.37
N GLN A 34 -7.82 7.82 19.02
CA GLN A 34 -7.21 6.57 18.61
C GLN A 34 -7.52 5.48 19.62
N THR A 35 -7.39 5.82 20.89
CA THR A 35 -7.73 4.90 21.96
C THR A 35 -9.06 4.19 21.71
N ASP A 36 -10.10 4.96 21.39
CA ASP A 36 -11.42 4.38 21.23
C ASP A 36 -11.37 3.43 20.05
N ALA A 37 -10.80 3.89 18.94
CA ALA A 37 -10.67 3.06 17.77
C ALA A 37 -9.90 1.80 18.16
N GLU A 38 -8.84 1.99 18.93
CA GLU A 38 -8.07 0.85 19.46
C GLU A 38 -9.03 -0.18 20.01
N LEU A 39 -9.98 0.29 20.80
CA LEU A 39 -10.94 -0.60 21.45
C LEU A 39 -11.67 -1.47 20.43
N GLN A 40 -12.19 -0.85 19.38
CA GLN A 40 -12.95 -1.59 18.39
C GLN A 40 -12.09 -2.69 17.77
N LEU A 41 -10.91 -2.32 17.31
CA LEU A 41 -10.08 -3.25 16.57
C LEU A 41 -9.99 -4.52 17.38
N THR A 42 -9.61 -4.35 18.65
CA THR A 42 -9.40 -5.47 19.54
C THR A 42 -10.46 -6.52 19.29
N THR A 43 -11.71 -6.09 19.15
CA THR A 43 -12.81 -7.02 18.95
C THR A 43 -12.55 -7.96 17.78
N PHE A 44 -11.91 -7.44 16.74
CA PHE A 44 -11.68 -8.22 15.53
C PHE A 44 -10.50 -9.15 15.72
N THR A 45 -9.79 -8.98 16.83
CA THR A 45 -8.52 -9.66 17.02
C THR A 45 -8.66 -11.17 16.84
N PRO A 46 -9.74 -11.78 17.39
CA PRO A 46 -9.81 -13.22 17.18
C PRO A 46 -9.91 -13.55 15.70
N LEU A 47 -10.76 -12.82 14.97
CA LEU A 47 -10.93 -13.05 13.54
C LEU A 47 -9.58 -13.05 12.84
N ILE A 48 -8.77 -12.05 13.14
CA ILE A 48 -7.47 -11.92 12.49
C ILE A 48 -6.68 -13.22 12.63
N GLN A 49 -6.68 -13.79 13.82
CA GLN A 49 -5.95 -15.04 14.10
C GLN A 49 -6.40 -16.13 13.13
N TYR A 50 -7.71 -16.26 12.99
CA TYR A 50 -8.28 -17.26 12.10
C TYR A 50 -7.73 -17.11 10.68
N GLY A 51 -7.31 -15.90 10.33
CA GLY A 51 -6.61 -15.66 9.08
C GLY A 51 -7.51 -15.97 7.91
N CYS A 52 -8.79 -15.61 8.04
CA CYS A 52 -9.67 -15.55 6.90
C CYS A 52 -8.88 -15.03 5.72
N SER A 53 -8.45 -13.77 5.81
CA SER A 53 -7.60 -13.13 4.79
C SER A 53 -6.32 -12.59 5.41
N SER A 54 -5.24 -12.67 4.64
CA SER A 54 -3.98 -12.01 5.00
C SER A 54 -4.13 -10.51 5.10
N GLN A 55 -4.92 -9.93 4.19
CA GLN A 55 -4.99 -8.48 4.04
C GLN A 55 -5.96 -7.86 5.04
N LEU A 56 -6.62 -8.69 5.83
CA LEU A 56 -7.66 -8.22 6.72
C LEU A 56 -7.16 -7.06 7.55
N GLN A 57 -6.15 -7.32 8.39
CA GLN A 57 -5.74 -6.36 9.42
C GLN A 57 -5.46 -5.01 8.76
N PHE A 58 -4.68 -5.05 7.68
CA PHE A 58 -4.29 -3.84 6.99
C PHE A 58 -5.54 -3.04 6.64
N PHE A 59 -6.50 -3.74 6.06
CA PHE A 59 -7.76 -3.15 5.66
C PHE A 59 -8.37 -2.41 6.84
N LEU A 60 -8.54 -3.09 7.96
CA LEU A 60 -9.25 -2.51 9.09
C LEU A 60 -8.54 -1.25 9.55
N CYS A 61 -7.22 -1.34 9.68
CA CYS A 61 -6.42 -0.19 10.02
C CYS A 61 -6.70 0.94 9.04
N SER A 62 -6.74 0.58 7.77
CA SER A 62 -7.06 1.54 6.72
C SER A 62 -8.32 2.32 7.06
N VAL A 63 -9.36 1.63 7.49
CA VAL A 63 -10.63 2.26 7.83
C VAL A 63 -10.54 3.05 9.12
N TYR A 64 -9.91 2.45 10.13
CA TYR A 64 -10.03 2.96 11.49
C TYR A 64 -9.00 4.02 11.81
N VAL A 65 -7.86 3.94 11.12
CA VAL A 65 -6.81 4.93 11.26
C VAL A 65 -6.35 5.33 9.87
N PRO A 66 -7.22 6.06 9.14
CA PRO A 66 -6.89 6.24 7.74
C PRO A 66 -5.56 6.92 7.60
N MET A 67 -4.89 6.66 6.49
CA MET A 67 -3.68 7.40 6.18
C MET A 67 -3.98 8.88 6.22
N CYS A 68 -2.93 9.67 6.34
CA CYS A 68 -3.03 11.10 6.32
C CYS A 68 -1.80 11.66 5.66
N THR A 69 -1.89 12.86 5.13
CA THR A 69 -0.74 13.50 4.52
C THR A 69 -0.83 15.00 4.61
N GLU A 70 0.32 15.65 4.74
CA GLU A 70 0.37 17.11 4.74
C GLU A 70 0.05 17.67 3.36
N LYS A 71 0.31 16.89 2.32
CA LYS A 71 0.13 17.38 0.95
C LYS A 71 -1.27 17.92 0.69
N ILE A 72 -2.27 17.33 1.35
CA ILE A 72 -3.65 17.75 1.19
C ILE A 72 -4.39 17.40 2.46
N ASN A 73 -5.52 18.04 2.70
CA ASN A 73 -6.24 17.93 3.97
C ASN A 73 -7.22 16.76 4.07
N ILE A 74 -7.38 15.99 3.00
CA ILE A 74 -8.35 14.90 3.02
C ILE A 74 -7.70 13.65 3.58
N PRO A 75 -8.51 12.64 3.94
CA PRO A 75 -7.99 11.39 4.45
C PRO A 75 -7.92 10.35 3.36
N ILE A 76 -7.09 9.34 3.56
CA ILE A 76 -6.91 8.27 2.59
C ILE A 76 -7.24 6.94 3.25
N GLY A 77 -8.05 6.14 2.55
CA GLY A 77 -8.51 4.86 3.05
C GLY A 77 -8.33 3.79 2.00
N PRO A 78 -9.13 2.71 2.08
CA PRO A 78 -8.99 1.59 1.17
C PRO A 78 -9.96 1.71 0.02
N CYS A 79 -9.57 1.24 -1.16
CA CYS A 79 -10.51 1.05 -2.26
C CYS A 79 -11.42 -0.13 -1.98
N GLY A 80 -12.61 -0.10 -2.58
CA GLY A 80 -13.58 -1.19 -2.42
C GLY A 80 -12.95 -2.52 -2.75
N GLY A 81 -12.50 -2.68 -3.98
CA GLY A 81 -12.03 -3.96 -4.47
C GLY A 81 -11.31 -4.72 -3.37
N MET A 82 -10.33 -4.06 -2.79
CA MET A 82 -9.60 -4.59 -1.65
C MET A 82 -10.55 -5.14 -0.58
N CYS A 83 -11.46 -4.30 -0.08
CA CYS A 83 -12.39 -4.73 0.97
C CYS A 83 -13.11 -6.00 0.53
N LEU A 84 -13.83 -5.93 -0.58
CA LEU A 84 -14.56 -7.06 -1.12
C LEU A 84 -13.67 -8.29 -1.09
N SER A 85 -12.56 -8.22 -1.80
CA SER A 85 -11.63 -9.34 -1.81
C SER A 85 -11.52 -9.82 -0.36
N VAL A 86 -11.38 -8.87 0.56
CA VAL A 86 -11.45 -9.19 1.98
C VAL A 86 -12.84 -9.64 2.41
N LYS A 87 -13.88 -8.87 2.06
CA LYS A 87 -15.20 -9.07 2.64
C LYS A 87 -15.67 -10.48 2.44
N ARG A 88 -15.43 -11.03 1.24
CA ARG A 88 -15.92 -12.36 0.89
C ARG A 88 -15.32 -13.42 1.80
N ARG A 89 -14.00 -13.45 1.88
CA ARG A 89 -13.27 -14.34 2.79
C ARG A 89 -13.79 -14.38 4.23
N CYS A 90 -14.23 -13.23 4.77
CA CYS A 90 -14.56 -13.14 6.20
C CYS A 90 -16.04 -12.86 6.49
N GLU A 91 -16.80 -12.43 5.48
CA GLU A 91 -18.22 -12.26 5.68
C GLU A 91 -18.73 -13.53 6.36
N PRO A 92 -18.35 -14.71 5.83
CA PRO A 92 -19.00 -15.88 6.38
C PRO A 92 -18.61 -16.09 7.83
N VAL A 93 -17.32 -16.04 8.11
CA VAL A 93 -16.83 -16.53 9.38
C VAL A 93 -17.44 -15.64 10.43
N LEU A 94 -17.52 -14.35 10.12
CA LEU A 94 -18.20 -13.43 10.99
C LEU A 94 -19.63 -13.85 11.21
N LYS A 95 -20.26 -14.42 10.18
CA LYS A 95 -21.55 -15.05 10.38
C LYS A 95 -21.42 -16.08 11.49
N GLU A 96 -20.42 -16.94 11.44
CA GLU A 96 -20.03 -17.62 12.67
C GLU A 96 -19.64 -16.52 13.65
N PHE A 97 -19.62 -16.82 14.95
CA PHE A 97 -19.80 -15.78 15.96
C PHE A 97 -21.15 -15.06 15.78
N GLY A 98 -22.07 -15.67 15.03
CA GLY A 98 -23.39 -15.09 14.80
C GLY A 98 -23.38 -13.62 14.45
N PHE A 99 -22.39 -13.18 13.66
CA PHE A 99 -22.17 -11.74 13.47
C PHE A 99 -22.48 -11.28 12.05
N ALA A 100 -23.44 -10.35 11.95
CA ALA A 100 -23.59 -9.50 10.77
C ALA A 100 -22.28 -8.80 10.42
N TRP A 101 -22.03 -8.65 9.13
CA TRP A 101 -21.01 -7.73 8.63
C TRP A 101 -21.43 -6.26 8.84
N PRO A 102 -20.59 -5.46 9.51
CA PRO A 102 -21.08 -4.18 10.01
C PRO A 102 -21.27 -3.18 8.88
N GLU A 103 -22.23 -2.26 9.03
CA GLU A 103 -22.47 -1.25 8.01
C GLU A 103 -21.28 -0.30 7.90
N SER A 104 -20.60 -0.08 9.02
CA SER A 104 -19.42 0.77 9.03
C SER A 104 -18.42 0.31 7.99
N LEU A 105 -18.36 -0.99 7.78
CA LEU A 105 -17.50 -1.55 6.75
C LEU A 105 -18.25 -1.73 5.43
N ASN A 106 -19.35 -1.01 5.26
CA ASN A 106 -20.15 -1.16 4.05
C ASN A 106 -19.26 -0.80 2.87
N CYS A 107 -19.18 -1.70 1.90
CA CYS A 107 -18.13 -1.60 0.91
C CYS A 107 -18.54 -0.71 -0.25
N SER A 108 -19.78 -0.25 -0.23
CA SER A 108 -20.27 0.76 -1.17
C SER A 108 -19.56 2.09 -0.97
N LYS A 109 -19.38 2.49 0.28
CA LYS A 109 -18.84 3.81 0.61
C LYS A 109 -17.45 4.09 0.01
N PHE A 110 -16.59 3.08 -0.02
CA PHE A 110 -15.21 3.27 -0.48
C PHE A 110 -15.16 3.47 -1.99
N PRO A 111 -14.25 4.34 -2.46
CA PRO A 111 -14.20 4.57 -3.89
C PRO A 111 -13.77 3.31 -4.64
N PRO A 112 -14.07 3.24 -5.95
CA PRO A 112 -13.86 2.01 -6.70
C PRO A 112 -12.39 1.71 -6.91
N GLN A 113 -11.58 2.76 -7.03
CA GLN A 113 -10.23 2.62 -7.50
C GLN A 113 -9.43 3.81 -7.03
N ASN A 114 -8.17 3.84 -7.42
CA ASN A 114 -7.29 4.90 -6.95
C ASN A 114 -6.94 5.80 -8.10
N ASP A 115 -7.24 7.09 -7.98
CA ASP A 115 -7.05 7.98 -9.09
C ASP A 115 -6.81 9.41 -8.64
N HIS A 116 -6.57 10.30 -9.59
CA HIS A 116 -6.53 11.70 -9.24
C HIS A 116 -7.79 12.08 -8.55
N ASN A 117 -8.89 11.66 -9.13
CA ASN A 117 -10.18 12.05 -8.66
C ASN A 117 -10.37 11.54 -7.26
N HIS A 118 -9.95 10.31 -7.01
CA HIS A 118 -10.11 9.75 -5.68
C HIS A 118 -8.91 8.91 -5.31
N MET A 119 -8.47 9.06 -4.07
CA MET A 119 -7.30 8.37 -3.62
C MET A 119 -7.64 7.36 -2.57
N CYS A 120 -7.34 6.11 -2.82
CA CYS A 120 -7.50 5.02 -1.88
C CYS A 120 -6.42 3.99 -2.13
N MET A 121 -6.11 3.20 -1.13
CA MET A 121 -5.04 2.22 -1.26
C MET A 121 -5.63 0.92 -1.77
N GLU A 122 -4.84 0.18 -2.56
CA GLU A 122 -5.28 -1.11 -3.06
C GLU A 122 -4.36 -2.18 -2.55
N GLY A 123 -4.79 -3.43 -2.71
CA GLY A 123 -3.97 -4.57 -2.39
C GLY A 123 -4.04 -5.59 -3.51
N PRO A 124 -3.23 -6.65 -3.42
CA PRO A 124 -3.19 -7.63 -4.51
C PRO A 124 -4.54 -8.33 -4.70
N GLY A 125 -5.25 -8.57 -3.61
CA GLY A 125 -6.69 -8.78 -3.65
C GLY A 125 -7.41 -7.60 -4.28
N ASP A 126 -8.34 -7.89 -5.19
CA ASP A 126 -8.96 -6.85 -6.02
C ASP A 126 -10.37 -7.22 -6.48
N GLU A 127 -11.12 -6.20 -6.92
CA GLU A 127 -12.46 -6.37 -7.49
C GLU A 127 -12.90 -5.08 -8.21
N GLU A 128 -14.01 -5.10 -8.95
CA GLU A 128 -14.63 -3.86 -9.43
C GLU A 128 -15.21 -2.97 -8.32
N SER B 13 6.27 -8.57 11.45
CA SER B 13 6.00 -7.10 11.51
C SER B 13 7.27 -6.32 11.85
N ASP B 14 8.34 -6.61 11.14
CA ASP B 14 9.64 -5.98 11.35
C ASP B 14 9.79 -4.75 10.42
N PRO B 15 9.94 -3.54 10.99
CA PRO B 15 9.99 -2.37 10.12
C PRO B 15 11.15 -2.41 9.13
N ARG B 16 12.22 -3.10 9.49
CA ARG B 16 13.34 -3.33 8.58
C ARG B 16 12.90 -4.06 7.31
N ARG B 17 11.93 -4.97 7.44
CA ARG B 17 11.60 -5.90 6.36
C ARG B 17 11.30 -5.15 5.05
N CYS B 18 11.69 -5.74 3.92
CA CYS B 18 11.22 -5.29 2.61
C CYS B 18 9.70 -5.24 2.59
N MET B 19 9.14 -4.16 2.07
CA MET B 19 7.71 -3.90 2.19
C MET B 19 7.26 -2.72 1.36
N ARG B 20 5.95 -2.59 1.22
CA ARG B 20 5.32 -1.51 0.48
C ARG B 20 5.16 -0.28 1.35
N HIS B 21 5.55 0.87 0.82
CA HIS B 21 5.31 2.14 1.51
C HIS B 21 4.46 3.07 0.65
N HIS B 22 3.58 3.81 1.32
CA HIS B 22 2.60 4.65 0.65
C HIS B 22 2.96 6.11 0.81
N TYR B 23 2.65 6.91 -0.20
CA TYR B 23 2.87 8.34 -0.14
C TYR B 23 2.21 9.01 -1.32
N VAL B 24 2.08 10.33 -1.24
CA VAL B 24 1.52 11.10 -2.35
C VAL B 24 2.58 12.03 -2.91
N ASP B 25 2.56 12.18 -4.23
CA ASP B 25 3.36 13.16 -4.91
C ASP B 25 2.45 13.85 -5.90
N SER B 26 2.97 14.79 -6.67
CA SER B 26 2.18 15.42 -7.70
C SER B 26 2.95 15.36 -8.99
N ILE B 27 2.39 14.67 -9.97
CA ILE B 27 3.09 14.50 -11.22
C ILE B 27 2.91 15.81 -11.98
N SER B 28 4.02 16.36 -12.46
CA SER B 28 4.00 17.53 -13.32
C SER B 28 5.07 17.31 -14.37
N HIS B 29 4.78 17.69 -15.61
CA HIS B 29 5.71 17.44 -16.70
C HIS B 29 7.05 18.12 -16.43
N PRO B 30 8.16 17.43 -16.74
CA PRO B 30 9.45 18.05 -16.43
C PRO B 30 9.68 19.35 -17.18
N LEU B 31 9.61 19.28 -18.50
CA LEU B 31 9.89 20.41 -19.38
C LEU B 31 8.72 21.33 -19.73
N TYR B 32 7.61 20.80 -20.21
CA TYR B 32 6.42 21.62 -20.46
C TYR B 32 5.86 22.25 -19.18
N LYS B 33 5.27 23.45 -19.28
CA LYS B 33 4.57 24.02 -18.13
C LYS B 33 3.14 23.54 -18.14
N CYS B 34 2.68 23.06 -16.99
CA CYS B 34 1.44 22.33 -16.92
C CYS B 34 0.86 22.43 -15.53
N SER B 35 -0.42 22.09 -15.40
CA SER B 35 -1.03 21.98 -14.09
C SER B 35 -0.71 20.63 -13.48
N SER B 36 -0.29 20.63 -12.22
CA SER B 36 0.07 19.41 -11.53
C SER B 36 -1.19 18.67 -11.12
N LYS B 37 -1.11 17.36 -11.03
CA LYS B 37 -2.20 16.56 -10.54
C LYS B 37 -1.69 15.66 -9.45
N MET B 38 -2.34 15.69 -8.31
CA MET B 38 -1.87 14.97 -7.14
C MET B 38 -2.37 13.55 -7.14
N VAL B 39 -1.49 12.58 -6.99
CA VAL B 39 -1.91 11.20 -6.99
C VAL B 39 -1.18 10.46 -5.89
N LEU B 40 -1.68 9.30 -5.49
CA LEU B 40 -1.05 8.53 -4.45
C LEU B 40 -0.28 7.40 -5.05
N LEU B 41 0.80 7.00 -4.39
CA LEU B 41 1.72 6.02 -4.95
C LEU B 41 2.28 5.14 -3.86
N ALA B 42 3.02 4.12 -4.29
CA ALA B 42 3.64 3.21 -3.36
C ALA B 42 5.06 2.94 -3.82
N ARG B 43 5.94 2.66 -2.85
CA ARG B 43 7.31 2.27 -3.15
C ARG B 43 7.72 1.10 -2.28
N CYS B 44 8.80 0.45 -2.70
CA CYS B 44 9.32 -0.74 -2.02
C CYS B 44 10.51 -0.34 -1.19
N GLU B 45 10.56 -0.78 0.07
CA GLU B 45 11.71 -0.52 0.91
C GLU B 45 11.87 -1.52 2.06
N GLY B 46 13.10 -1.99 2.24
CA GLY B 46 13.51 -2.63 3.49
C GLY B 46 14.85 -3.32 3.33
N HIS B 47 15.16 -4.22 4.26
CA HIS B 47 16.40 -5.00 4.21
C HIS B 47 16.07 -6.45 3.95
N CYS B 48 16.35 -6.92 2.74
CA CYS B 48 16.21 -8.32 2.44
C CYS B 48 17.10 -9.08 3.41
N SER B 49 16.61 -10.19 3.94
CA SER B 49 17.30 -10.95 4.98
C SER B 49 18.53 -11.68 4.45
N GLN B 50 18.45 -12.19 3.22
CA GLN B 50 19.36 -13.23 2.79
C GLN B 50 20.65 -12.54 2.48
N ALA B 51 21.73 -12.94 3.15
CA ALA B 51 23.04 -12.33 2.93
C ALA B 51 23.36 -12.37 1.45
N SER B 52 24.34 -11.56 1.07
CA SER B 52 24.76 -11.46 -0.32
C SER B 52 26.17 -11.99 -0.45
N ARG B 53 26.56 -12.36 -1.67
CA ARG B 53 27.95 -12.76 -1.88
C ARG B 53 28.33 -12.81 -3.34
N SER B 54 29.62 -12.97 -3.57
CA SER B 54 30.16 -13.40 -4.84
C SER B 54 31.43 -14.19 -4.58
N GLU B 55 31.68 -15.21 -5.41
CA GLU B 55 32.86 -16.05 -5.26
C GLU B 55 33.44 -16.44 -6.61
N PRO B 56 34.75 -16.72 -6.66
CA PRO B 56 35.47 -16.66 -7.93
C PRO B 56 35.14 -17.84 -8.84
N LEU B 57 35.39 -17.67 -10.13
CA LEU B 57 35.07 -18.69 -11.12
C LEU B 57 36.28 -19.02 -11.97
N VAL B 58 36.28 -20.22 -12.55
CA VAL B 58 37.44 -20.79 -13.21
C VAL B 58 37.17 -20.97 -14.70
N SER B 59 38.07 -20.43 -15.53
CA SER B 59 37.98 -20.60 -16.97
C SER B 59 39.22 -21.32 -17.49
N PHE B 60 39.02 -22.26 -18.40
CA PHE B 60 40.11 -22.89 -19.12
C PHE B 60 40.30 -22.29 -20.51
N SER B 61 39.52 -21.26 -20.84
CA SER B 61 39.84 -20.41 -21.99
C SER B 61 41.06 -19.53 -21.71
N THR B 62 41.77 -19.15 -22.77
CA THR B 62 42.67 -17.98 -22.74
C THR B 62 41.92 -16.65 -22.53
N VAL B 63 40.61 -16.68 -22.74
CA VAL B 63 39.72 -15.57 -22.38
C VAL B 63 38.96 -15.88 -21.09
N LEU B 64 38.86 -14.91 -20.18
CA LEU B 64 38.19 -15.16 -18.89
C LEU B 64 36.76 -14.61 -18.85
N LYS B 65 36.60 -13.30 -18.75
CA LYS B 65 35.37 -12.73 -18.23
C LYS B 65 35.04 -13.42 -16.91
N GLN B 66 33.80 -13.91 -16.76
CA GLN B 66 33.52 -15.02 -15.89
C GLN B 66 34.01 -14.75 -14.47
N PRO B 67 34.10 -13.46 -14.08
CA PRO B 67 35.00 -13.24 -12.96
C PRO B 67 34.50 -13.94 -11.70
N PHE B 68 33.21 -13.81 -11.40
CA PHE B 68 32.64 -14.41 -10.19
C PHE B 68 31.18 -14.77 -10.40
N ARG B 69 30.67 -15.64 -9.54
CA ARG B 69 29.23 -15.77 -9.35
C ARG B 69 28.83 -15.20 -8.00
N SER B 70 27.78 -14.39 -8.01
CA SER B 70 27.31 -13.69 -6.84
C SER B 70 25.80 -13.84 -6.69
N SER B 71 25.29 -13.52 -5.52
CA SER B 71 23.88 -13.50 -5.29
C SER B 71 23.61 -12.36 -4.36
N CYS B 72 22.40 -11.85 -4.44
CA CYS B 72 22.05 -10.64 -3.75
C CYS B 72 20.58 -10.44 -3.89
N HIS B 73 19.91 -10.31 -2.77
CA HIS B 73 18.47 -10.19 -2.78
C HIS B 73 18.08 -8.76 -2.57
N CYS B 74 17.68 -8.11 -3.64
CA CYS B 74 17.21 -6.76 -3.53
C CYS B 74 15.75 -6.81 -3.15
N CYS B 75 15.14 -5.66 -2.97
CA CYS B 75 13.75 -5.61 -2.60
C CYS B 75 13.05 -4.80 -3.64
N ARG B 76 12.05 -5.39 -4.25
CA ARG B 76 11.53 -4.90 -5.52
C ARG B 76 10.04 -5.21 -5.61
N PRO B 77 9.35 -4.65 -6.62
CA PRO B 77 7.92 -4.82 -6.66
C PRO B 77 7.56 -6.19 -7.24
N GLN B 78 6.89 -7.00 -6.44
CA GLN B 78 6.32 -8.26 -6.89
C GLN B 78 5.20 -8.00 -7.89
N THR B 79 4.30 -7.07 -7.58
CA THR B 79 3.07 -6.92 -8.36
C THR B 79 2.56 -5.47 -8.46
N SER B 80 2.43 -5.02 -9.70
CA SER B 80 2.37 -3.60 -9.99
C SER B 80 1.36 -3.42 -11.11
N LYS B 81 0.38 -2.56 -10.91
CA LYS B 81 -0.62 -2.29 -11.94
C LYS B 81 -0.33 -0.97 -12.61
N LEU B 82 -0.38 -0.97 -13.94
CA LEU B 82 -0.13 0.23 -14.71
C LEU B 82 -1.27 1.21 -14.51
N LYS B 83 -0.92 2.49 -14.46
CA LYS B 83 -1.92 3.55 -14.46
C LYS B 83 -1.55 4.65 -15.43
N ALA B 84 -2.39 5.66 -15.54
CA ALA B 84 -2.08 6.78 -16.40
C ALA B 84 -3.03 7.92 -16.17
N LEU B 85 -2.70 9.09 -16.70
CA LEU B 85 -3.58 10.23 -16.52
C LEU B 85 -3.19 11.36 -17.46
N ARG B 86 -4.11 12.27 -17.70
CA ARG B 86 -3.90 13.27 -18.73
C ARG B 86 -3.66 14.62 -18.12
N LEU B 87 -2.82 15.42 -18.77
CA LEU B 87 -2.45 16.71 -18.23
C LEU B 87 -2.73 17.83 -19.19
N ARG B 88 -3.14 18.97 -18.65
CA ARG B 88 -3.48 20.11 -19.49
C ARG B 88 -2.38 21.14 -19.47
N CYS B 89 -1.80 21.37 -20.63
CA CYS B 89 -0.61 22.21 -20.70
C CYS B 89 -0.93 23.53 -21.37
N SER B 90 -0.28 24.58 -20.88
CA SER B 90 -0.62 25.94 -21.27
C SER B 90 -0.61 26.05 -22.79
N GLY B 91 -1.49 26.88 -23.32
CA GLY B 91 -1.90 26.77 -24.71
C GLY B 91 -2.72 25.52 -24.93
N GLY B 92 -2.72 25.03 -26.16
CA GLY B 92 -3.53 23.88 -26.54
C GLY B 92 -3.20 22.64 -25.73
N MET B 93 -1.90 22.42 -25.48
CA MET B 93 -1.38 21.08 -25.26
C MET B 93 -1.99 20.41 -24.03
N ARG B 94 -2.46 19.18 -24.22
CA ARG B 94 -2.98 18.36 -23.14
C ARG B 94 -2.22 17.06 -23.20
N LEU B 95 -1.70 16.60 -22.07
CA LEU B 95 -0.81 15.44 -22.11
C LEU B 95 -1.17 14.30 -21.19
N THR B 96 -0.64 13.13 -21.54
CA THR B 96 -0.89 11.90 -20.84
C THR B 96 0.37 11.31 -20.24
N ALA B 97 0.28 10.89 -18.99
CA ALA B 97 1.41 10.31 -18.28
C ALA B 97 1.06 8.93 -17.77
N THR B 98 2.05 8.06 -17.70
CA THR B 98 1.83 6.67 -17.33
C THR B 98 2.90 6.20 -16.36
N TYR B 99 2.47 5.39 -15.39
CA TYR B 99 3.33 4.89 -14.34
C TYR B 99 2.80 3.63 -13.72
N ARG B 100 3.41 3.17 -12.63
CA ARG B 100 3.03 1.88 -12.06
C ARG B 100 2.72 2.01 -10.56
N TYR B 101 1.45 1.84 -10.21
CA TYR B 101 1.07 1.60 -8.83
C TYR B 101 1.56 0.22 -8.40
N ILE B 102 2.10 0.14 -7.19
CA ILE B 102 2.79 -1.08 -6.76
C ILE B 102 1.95 -1.79 -5.72
N LEU B 103 1.44 -2.97 -6.07
CA LEU B 103 0.54 -3.68 -5.18
C LEU B 103 1.29 -4.54 -4.15
N SER B 104 2.46 -5.06 -4.51
CA SER B 104 3.20 -5.97 -3.64
C SER B 104 4.71 -5.83 -3.82
N CYS B 105 5.44 -5.81 -2.70
CA CYS B 105 6.91 -5.91 -2.72
C CYS B 105 7.36 -7.33 -2.40
N HIS B 106 8.48 -7.75 -2.99
CA HIS B 106 9.20 -8.94 -2.53
C HIS B 106 10.71 -8.74 -2.59
N CYS B 107 11.46 -9.75 -2.15
CA CYS B 107 12.92 -9.74 -2.30
C CYS B 107 13.33 -10.68 -3.40
N GLU B 108 13.97 -10.18 -4.44
CA GLU B 108 14.39 -11.06 -5.50
C GLU B 108 15.85 -10.87 -5.85
N GLU B 109 16.40 -11.71 -6.71
CA GLU B 109 17.82 -11.60 -6.98
C GLU B 109 18.09 -10.46 -7.88
N CYS B 110 19.21 -9.80 -7.67
CA CYS B 110 19.50 -8.61 -8.41
C CYS B 110 19.58 -8.84 -9.91
N ASN B 111 20.04 -10.01 -10.34
CA ASN B 111 20.25 -10.20 -11.77
C ASN B 111 19.46 -11.29 -12.50
N SER B 112 18.17 -11.32 -12.20
CA SER B 112 17.16 -12.11 -12.89
C SER B 112 15.77 -11.84 -12.30
#